data_1BKY
#
_entry.id   1BKY
#
_cell.length_a   84.500
_cell.length_b   67.210
_cell.length_c   79.560
_cell.angle_alpha   90.00
_cell.angle_beta   117.30
_cell.angle_gamma   90.00
#
_symmetry.space_group_name_H-M   'C 1 2 1'
#
loop_
_entity.id
_entity.type
_entity.pdbx_description
1 polymer VP39
2 non-polymer S-ADENOSYL-L-HOMOCYSTEINE
3 non-polymer 1-METHYLCYTOSINE
4 water water
#
_entity_poly.entity_id   1
_entity_poly.type   'polypeptide(L)'
_entity_poly.pdbx_seq_one_letter_code
;MDVVSLDKPFMYFEEIDNELDYEPESANEVAKKLPYQGQLKLLLGELFFLSKLQRHGILDGATVVYIGSAPGTHIRYLRD
HFYNLGVIIKWMLIDGRHHDPILNGLRDVTLVTRFVDEEYLRSIKKQLHPSKIILISDVRSKRGGNEPSTADLLSNYALQ
NVMISILNPVASSLKWRCPFPDQWIKDFYIPHGNKMLQPFAPSYSAEMRLLSIYTGENMRLTRVTKSDAVNYEKKMYYLN
KIVRNKVVVNFDYPNQEYDYFHMYFMLRTVYCNKTFPTTKAKVLFLQQSIFRFLNIPTTSTEKVSHE
;
_entity_poly.pdbx_strand_id   A
#
# COMPACT_ATOMS: atom_id res chain seq x y z
N MET A 1 -4.51 -3.44 -30.90
CA MET A 1 -4.69 -2.97 -29.50
C MET A 1 -5.28 -4.12 -28.70
N ASP A 2 -4.89 -4.22 -27.42
CA ASP A 2 -5.33 -5.29 -26.52
C ASP A 2 -6.61 -4.89 -25.76
N VAL A 3 -7.75 -4.98 -26.43
CA VAL A 3 -9.02 -4.55 -25.81
C VAL A 3 -9.84 -5.61 -25.10
N VAL A 4 -10.62 -5.17 -24.11
CA VAL A 4 -11.45 -6.07 -23.33
C VAL A 4 -12.54 -5.33 -22.52
N SER A 5 -13.52 -6.07 -22.05
CA SER A 5 -14.60 -5.53 -21.25
C SER A 5 -14.55 -6.23 -19.90
N LEU A 6 -14.57 -5.43 -18.84
CA LEU A 6 -14.51 -5.94 -17.48
C LEU A 6 -15.59 -5.32 -16.62
N ASP A 7 -16.06 -6.10 -15.66
CA ASP A 7 -17.06 -5.65 -14.72
C ASP A 7 -16.35 -4.79 -13.68
N LYS A 8 -15.44 -5.42 -12.96
CA LYS A 8 -14.66 -4.82 -11.90
C LYS A 8 -13.24 -5.33 -12.05
N PRO A 9 -12.27 -4.65 -11.41
CA PRO A 9 -10.87 -5.07 -11.48
C PRO A 9 -10.55 -5.99 -10.30
N PHE A 10 -9.41 -6.68 -10.36
CA PHE A 10 -8.98 -7.54 -9.27
C PHE A 10 -8.53 -6.54 -8.20
N MET A 11 -9.24 -6.51 -7.07
CA MET A 11 -8.88 -5.62 -5.98
C MET A 11 -7.93 -6.27 -5.01
N TYR A 12 -8.09 -7.59 -4.82
CA TYR A 12 -7.26 -8.40 -3.90
C TYR A 12 -6.67 -9.63 -4.60
N PHE A 13 -5.57 -10.16 -4.05
CA PHE A 13 -4.89 -11.33 -4.59
C PHE A 13 -5.78 -12.55 -4.81
N GLU A 14 -6.65 -12.85 -3.86
CA GLU A 14 -7.52 -14.02 -3.94
C GLU A 14 -8.51 -14.00 -5.05
N GLU A 15 -8.69 -12.82 -5.63
CA GLU A 15 -9.61 -12.65 -6.74
C GLU A 15 -8.98 -13.05 -8.08
N ILE A 16 -7.64 -13.02 -8.16
CA ILE A 16 -6.97 -13.37 -9.41
C ILE A 16 -7.35 -14.82 -9.77
N ASP A 17 -8.02 -14.97 -10.90
CA ASP A 17 -8.53 -16.27 -11.35
C ASP A 17 -7.75 -17.01 -12.44
N ASN A 18 -6.43 -16.85 -12.49
CA ASN A 18 -5.65 -17.56 -13.50
C ASN A 18 -4.19 -17.38 -13.21
N GLU A 19 -3.34 -18.20 -13.85
CA GLU A 19 -1.91 -18.11 -13.61
C GLU A 19 -1.09 -18.37 -14.83
N LEU A 20 0.17 -17.96 -14.78
CA LEU A 20 1.08 -18.11 -15.92
C LEU A 20 2.46 -18.44 -15.40
N ASP A 21 3.16 -19.30 -16.12
CA ASP A 21 4.52 -19.64 -15.74
C ASP A 21 5.32 -18.37 -15.91
N TYR A 22 6.09 -18.01 -14.89
CA TYR A 22 6.92 -16.82 -14.93
C TYR A 22 8.03 -16.93 -15.99
N GLU A 23 8.18 -15.87 -16.79
CA GLU A 23 9.19 -15.83 -17.85
C GLU A 23 10.22 -14.82 -17.42
N PRO A 24 11.41 -15.27 -17.00
CA PRO A 24 12.51 -14.41 -16.53
C PRO A 24 12.91 -13.28 -17.45
N GLU A 25 12.47 -13.38 -18.70
CA GLU A 25 12.75 -12.37 -19.71
C GLU A 25 11.95 -11.08 -19.44
N SER A 26 10.92 -11.21 -18.61
CA SER A 26 10.07 -10.08 -18.26
C SER A 26 10.83 -9.06 -17.39
N ALA A 27 11.83 -9.54 -16.65
CA ALA A 27 12.66 -8.71 -15.76
C ALA A 27 13.46 -7.65 -16.50
N ASN A 28 13.66 -7.85 -17.80
CA ASN A 28 14.41 -6.91 -18.64
C ASN A 28 13.49 -5.87 -19.26
N GLU A 29 12.18 -6.04 -19.06
CA GLU A 29 11.18 -5.13 -19.60
C GLU A 29 10.97 -3.86 -18.79
N VAL A 30 10.58 -2.79 -19.47
CA VAL A 30 10.34 -1.51 -18.83
C VAL A 30 9.42 -1.66 -17.62
N ALA A 31 9.97 -1.36 -16.45
CA ALA A 31 9.24 -1.48 -15.19
C ALA A 31 8.30 -0.31 -14.92
N LYS A 32 8.64 0.87 -15.41
CA LYS A 32 7.76 2.01 -15.16
C LYS A 32 7.55 2.94 -16.35
N LYS A 33 6.33 3.44 -16.44
CA LYS A 33 5.93 4.33 -17.52
C LYS A 33 5.64 5.78 -17.10
N LEU A 34 5.47 6.02 -15.81
CA LEU A 34 5.13 7.37 -15.30
C LEU A 34 6.15 7.96 -14.35
N PRO A 35 6.30 9.30 -14.37
CA PRO A 35 7.26 9.93 -13.45
C PRO A 35 6.62 9.91 -12.04
N TYR A 36 7.43 9.63 -11.03
CA TYR A 36 6.98 9.54 -9.62
C TYR A 36 5.94 8.45 -9.47
N GLN A 37 6.01 7.42 -10.32
CA GLN A 37 5.03 6.33 -10.26
C GLN A 37 5.02 5.62 -8.91
N GLY A 38 6.17 5.54 -8.25
CA GLY A 38 6.27 4.91 -6.95
C GLY A 38 5.53 5.68 -5.87
N GLN A 39 5.50 7.00 -5.98
CA GLN A 39 4.78 7.80 -5.00
C GLN A 39 3.30 7.64 -5.24
N LEU A 40 2.93 7.60 -6.53
CA LEU A 40 1.53 7.40 -6.93
C LEU A 40 1.04 6.04 -6.38
N LYS A 41 1.81 4.99 -6.63
CA LYS A 41 1.51 3.63 -6.18
C LYS A 41 1.17 3.61 -4.68
N LEU A 42 2.05 4.18 -3.87
CA LEU A 42 1.87 4.26 -2.42
C LEU A 42 0.70 5.15 -2.02
N LEU A 43 0.57 6.32 -2.66
CA LEU A 43 -0.53 7.22 -2.35
C LEU A 43 -1.90 6.55 -2.53
N LEU A 44 -2.14 5.89 -3.66
CA LEU A 44 -3.42 5.23 -3.90
C LEU A 44 -3.73 4.14 -2.88
N GLY A 45 -2.75 3.33 -2.56
CA GLY A 45 -2.95 2.24 -1.61
C GLY A 45 -3.21 2.69 -0.19
N GLU A 46 -2.43 3.67 0.28
CA GLU A 46 -2.61 4.19 1.63
C GLU A 46 -3.89 5.03 1.73
N LEU A 47 -4.27 5.67 0.63
CA LEU A 47 -5.51 6.45 0.62
C LEU A 47 -6.66 5.46 0.78
N PHE A 48 -6.58 4.37 0.03
CA PHE A 48 -7.57 3.30 0.08
C PHE A 48 -7.68 2.72 1.51
N PHE A 49 -6.54 2.28 2.05
CA PHE A 49 -6.49 1.69 3.40
C PHE A 49 -7.08 2.63 4.45
N LEU A 50 -6.58 3.86 4.49
CA LEU A 50 -7.03 4.87 5.45
C LEU A 50 -8.51 5.27 5.31
N SER A 51 -9.05 5.32 4.08
CA SER A 51 -10.46 5.66 3.89
C SER A 51 -11.34 4.56 4.47
N LYS A 52 -10.82 3.33 4.43
CA LYS A 52 -11.50 2.16 4.96
C LYS A 52 -11.62 2.30 6.48
N LEU A 53 -10.51 2.60 7.14
CA LEU A 53 -10.49 2.79 8.59
C LEU A 53 -11.46 3.90 8.99
N GLN A 54 -11.49 4.95 8.19
CA GLN A 54 -12.39 6.08 8.44
C GLN A 54 -13.82 5.52 8.40
N ARG A 55 -14.08 4.67 7.41
CA ARG A 55 -15.38 4.04 7.24
C ARG A 55 -15.77 3.24 8.48
N HIS A 56 -14.78 2.62 9.13
CA HIS A 56 -15.00 1.82 10.33
C HIS A 56 -14.91 2.63 11.60
N GLY A 57 -14.73 3.94 11.48
CA GLY A 57 -14.62 4.80 12.65
C GLY A 57 -13.36 4.62 13.48
N ILE A 58 -12.31 4.07 12.89
CA ILE A 58 -11.10 3.86 13.66
C ILE A 58 -9.91 4.74 13.32
N LEU A 59 -10.12 5.74 12.48
CA LEU A 59 -9.05 6.64 12.08
C LEU A 59 -8.95 7.89 12.95
N ASP A 60 -10.07 8.55 13.17
CA ASP A 60 -10.12 9.77 13.96
C ASP A 60 -9.56 9.59 15.36
N GLY A 61 -8.53 10.37 15.66
CA GLY A 61 -7.91 10.32 16.96
C GLY A 61 -6.73 9.37 17.04
N ALA A 62 -6.41 8.70 15.95
CA ALA A 62 -5.29 7.77 15.96
C ALA A 62 -3.99 8.46 15.65
N THR A 63 -2.90 7.76 15.95
CA THR A 63 -1.56 8.24 15.63
C THR A 63 -1.10 7.22 14.58
N VAL A 64 -0.72 7.70 13.40
CA VAL A 64 -0.27 6.82 12.35
C VAL A 64 1.24 6.76 12.45
N VAL A 65 1.76 5.56 12.74
CA VAL A 65 3.20 5.36 12.81
C VAL A 65 3.58 4.74 11.45
N TYR A 66 4.29 5.51 10.65
CA TYR A 66 4.71 5.08 9.32
C TYR A 66 6.23 4.90 9.42
N ILE A 67 6.66 3.67 9.30
CA ILE A 67 8.07 3.28 9.40
C ILE A 67 8.50 2.97 7.98
N GLY A 68 9.64 3.53 7.58
CA GLY A 68 10.11 3.37 6.21
C GLY A 68 9.39 4.42 5.37
N SER A 69 9.18 5.59 5.96
CA SER A 69 8.46 6.70 5.35
C SER A 69 9.19 7.69 4.41
N ALA A 70 10.51 7.69 4.43
CA ALA A 70 11.28 8.62 3.61
C ALA A 70 11.52 8.16 2.17
N PRO A 71 11.49 9.09 1.20
CA PRO A 71 11.25 10.54 1.30
C PRO A 71 9.83 10.94 1.74
N GLY A 72 8.83 10.15 1.32
CA GLY A 72 7.48 10.42 1.76
C GLY A 72 6.71 11.57 1.17
N THR A 73 7.16 12.04 0.01
CA THR A 73 6.51 13.13 -0.71
C THR A 73 4.99 12.97 -0.76
N HIS A 74 4.53 11.78 -1.14
CA HIS A 74 3.09 11.51 -1.23
C HIS A 74 2.35 11.57 0.09
N ILE A 75 3.07 11.39 1.21
CA ILE A 75 2.46 11.42 2.53
C ILE A 75 1.87 12.82 2.82
N ARG A 76 2.50 13.85 2.26
CA ARG A 76 2.01 15.20 2.45
C ARG A 76 0.58 15.29 1.92
N TYR A 77 0.32 14.70 0.76
CA TYR A 77 -1.05 14.68 0.19
C TYR A 77 -2.05 13.96 1.13
N LEU A 78 -1.66 12.77 1.57
CA LEU A 78 -2.50 12.01 2.49
C LEU A 78 -2.82 12.85 3.71
N ARG A 79 -1.80 13.43 4.30
CA ARG A 79 -1.95 14.28 5.48
C ARG A 79 -2.95 15.42 5.25
N ASP A 80 -2.84 16.12 4.12
CA ASP A 80 -3.73 17.23 3.80
C ASP A 80 -5.16 16.77 3.60
N HIS A 81 -5.32 15.67 2.90
CA HIS A 81 -6.64 15.16 2.63
C HIS A 81 -7.44 14.88 3.89
N PHE A 82 -6.87 14.19 4.86
CA PHE A 82 -7.65 13.89 6.07
C PHE A 82 -7.79 15.09 6.98
N TYR A 83 -6.76 15.91 7.01
CA TYR A 83 -6.70 17.14 7.80
C TYR A 83 -7.78 18.08 7.31
N ASN A 84 -7.95 18.14 5.99
CA ASN A 84 -8.96 19.01 5.40
C ASN A 84 -10.36 18.42 5.55
N LEU A 85 -10.45 17.14 5.86
CA LEU A 85 -11.75 16.50 6.05
C LEU A 85 -12.22 16.68 7.47
N GLY A 86 -11.31 17.11 8.36
CA GLY A 86 -11.70 17.30 9.74
C GLY A 86 -11.36 16.14 10.64
N VAL A 87 -10.74 15.11 10.06
CA VAL A 87 -10.34 13.95 10.84
C VAL A 87 -9.11 14.43 11.59
N ILE A 88 -9.00 14.09 12.87
CA ILE A 88 -7.85 14.47 13.69
C ILE A 88 -6.94 13.23 13.74
N ILE A 89 -5.71 13.37 13.26
CA ILE A 89 -4.72 12.29 13.20
C ILE A 89 -3.34 12.88 13.49
N LYS A 90 -2.48 12.14 14.20
CA LYS A 90 -1.10 12.60 14.42
C LYS A 90 -0.27 11.64 13.56
N TRP A 91 0.73 12.15 12.86
CA TRP A 91 1.57 11.32 12.03
C TRP A 91 2.97 11.24 12.65
N MET A 92 3.54 10.04 12.67
CA MET A 92 4.89 9.84 13.20
C MET A 92 5.65 9.10 12.13
N LEU A 93 6.49 9.83 11.42
CA LEU A 93 7.24 9.28 10.29
C LEU A 93 8.67 8.98 10.71
N ILE A 94 9.01 7.70 10.70
CA ILE A 94 10.32 7.25 11.12
C ILE A 94 11.07 6.53 10.02
N ASP A 95 12.30 6.99 9.76
CA ASP A 95 13.14 6.39 8.74
C ASP A 95 14.54 6.91 9.06
N GLY A 96 15.57 6.19 8.62
CA GLY A 96 16.93 6.66 8.85
C GLY A 96 17.34 7.71 7.81
N ARG A 97 16.66 7.71 6.66
CA ARG A 97 16.90 8.65 5.57
C ARG A 97 16.10 9.94 5.83
N HIS A 98 16.34 10.97 5.04
CA HIS A 98 15.63 12.21 5.24
C HIS A 98 14.33 12.34 4.47
N HIS A 99 13.36 12.98 5.11
CA HIS A 99 12.05 13.18 4.50
C HIS A 99 12.03 14.43 3.64
N ASP A 100 11.08 14.46 2.71
CA ASP A 100 10.88 15.58 1.80
C ASP A 100 10.55 16.79 2.68
N PRO A 101 11.30 17.89 2.52
CA PRO A 101 11.02 19.09 3.33
C PRO A 101 9.57 19.61 3.32
N ILE A 102 8.73 19.12 2.43
CA ILE A 102 7.35 19.58 2.41
C ILE A 102 6.58 19.10 3.65
N LEU A 103 7.15 18.11 4.33
CA LEU A 103 6.56 17.52 5.52
C LEU A 103 6.88 18.34 6.78
N ASN A 104 7.89 19.20 6.69
CA ASN A 104 8.27 20.02 7.83
C ASN A 104 7.24 21.07 8.19
N GLY A 105 7.35 21.56 9.43
CA GLY A 105 6.50 22.62 9.92
C GLY A 105 5.03 22.37 10.15
N LEU A 106 4.66 21.11 10.28
CA LEU A 106 3.26 20.75 10.51
C LEU A 106 3.19 20.25 11.95
N ARG A 107 2.37 20.88 12.79
CA ARG A 107 2.31 20.44 14.18
C ARG A 107 1.80 18.99 14.33
N ASP A 108 1.01 18.53 13.37
CA ASP A 108 0.46 17.18 13.40
C ASP A 108 1.33 16.10 12.85
N VAL A 109 2.52 16.44 12.34
CA VAL A 109 3.42 15.40 11.84
C VAL A 109 4.81 15.53 12.42
N THR A 110 5.23 14.43 13.06
CA THR A 110 6.53 14.34 13.70
C THR A 110 7.42 13.47 12.83
N LEU A 111 8.55 14.01 12.41
CA LEU A 111 9.52 13.28 11.59
C LEU A 111 10.64 12.81 12.52
N VAL A 112 11.04 11.56 12.38
CA VAL A 112 12.08 11.00 13.21
C VAL A 112 13.12 10.34 12.31
N THR A 113 14.39 10.70 12.50
CA THR A 113 15.47 10.13 11.72
C THR A 113 16.11 9.04 12.58
N ARG A 114 15.57 7.83 12.45
CA ARG A 114 16.03 6.68 13.23
C ARG A 114 15.65 5.41 12.51
N PHE A 115 16.57 4.47 12.44
CA PHE A 115 16.27 3.17 11.86
C PHE A 115 15.74 2.47 13.10
N VAL A 116 14.54 1.93 13.00
CA VAL A 116 13.94 1.28 14.14
C VAL A 116 14.42 -0.15 14.40
N ASP A 117 14.51 -0.49 15.67
CA ASP A 117 14.87 -1.83 16.10
C ASP A 117 13.81 -2.14 17.14
N GLU A 118 13.76 -3.38 17.58
CA GLU A 118 12.78 -3.80 18.57
C GLU A 118 12.79 -2.95 19.84
N GLU A 119 13.97 -2.59 20.32
CA GLU A 119 14.14 -1.77 21.51
C GLU A 119 13.50 -0.38 21.36
N TYR A 120 13.64 0.19 20.17
CA TYR A 120 13.10 1.50 19.86
C TYR A 120 11.58 1.44 19.80
N LEU A 121 11.06 0.38 19.20
CA LEU A 121 9.61 0.21 19.11
C LEU A 121 9.01 0.25 20.52
N ARG A 122 9.75 -0.30 21.47
CA ARG A 122 9.32 -0.33 22.87
C ARG A 122 9.25 1.07 23.46
N SER A 123 10.27 1.89 23.22
CA SER A 123 10.27 3.25 23.76
C SER A 123 9.19 4.12 23.13
N ILE A 124 8.94 3.96 21.82
CA ILE A 124 7.90 4.74 21.17
C ILE A 124 6.54 4.25 21.61
N LYS A 125 6.43 2.97 21.96
CA LYS A 125 5.16 2.45 22.44
C LYS A 125 4.86 3.12 23.78
N LYS A 126 5.88 3.24 24.62
CA LYS A 126 5.73 3.87 25.93
C LYS A 126 5.41 5.34 25.77
N GLN A 127 6.03 5.98 24.78
CA GLN A 127 5.81 7.40 24.55
C GLN A 127 4.49 7.75 23.85
N LEU A 128 4.00 6.87 22.99
CA LEU A 128 2.74 7.13 22.31
C LEU A 128 1.56 6.88 23.23
N HIS A 129 1.77 5.99 24.18
CA HIS A 129 0.75 5.63 25.16
C HIS A 129 0.13 6.87 25.78
N PRO A 130 -1.22 6.89 25.91
CA PRO A 130 -2.16 5.85 25.50
C PRO A 130 -2.92 6.07 24.19
N SER A 131 -2.24 6.56 23.16
CA SER A 131 -2.93 6.77 21.89
C SER A 131 -3.06 5.47 21.07
N LYS A 132 -4.13 5.39 20.29
CA LYS A 132 -4.43 4.24 19.42
C LYS A 132 -3.52 4.35 18.21
N ILE A 133 -2.87 3.24 17.86
CA ILE A 133 -1.91 3.22 16.76
C ILE A 133 -2.31 2.51 15.48
N ILE A 134 -2.03 3.17 14.35
CA ILE A 134 -2.28 2.60 13.03
C ILE A 134 -0.88 2.51 12.43
N LEU A 135 -0.46 1.29 12.10
CA LEU A 135 0.86 1.08 11.56
C LEU A 135 0.87 0.95 10.04
N ILE A 136 1.82 1.65 9.42
CA ILE A 136 2.02 1.58 7.97
C ILE A 136 3.50 1.28 7.87
N SER A 137 3.84 0.21 7.17
CA SER A 137 5.24 -0.13 7.01
C SER A 137 5.63 -0.27 5.54
N ASP A 138 6.76 0.32 5.18
CA ASP A 138 7.27 0.24 3.81
C ASP A 138 8.77 0.08 3.86
N VAL A 139 9.29 -0.51 4.93
CA VAL A 139 10.73 -0.67 5.07
C VAL A 139 11.34 -1.56 3.96
N ARG A 140 12.59 -1.27 3.61
CA ARG A 140 13.30 -2.03 2.59
C ARG A 140 14.76 -2.17 2.96
N SER A 141 15.28 -3.37 2.81
CA SER A 141 16.67 -3.68 3.14
C SER A 141 17.69 -2.99 2.20
N PRO A 148 15.60 -7.70 -3.06
CA PRO A 148 16.64 -8.00 -2.06
C PRO A 148 16.66 -9.51 -1.94
N SER A 149 17.59 -10.06 -1.16
CA SER A 149 17.67 -11.50 -0.99
C SER A 149 16.43 -11.99 -0.23
N THR A 150 16.18 -13.30 -0.25
CA THR A 150 15.04 -13.83 0.51
C THR A 150 15.40 -13.60 1.96
N ALA A 151 16.69 -13.64 2.27
CA ALA A 151 17.17 -13.42 3.64
C ALA A 151 16.79 -11.99 4.07
N ASP A 152 16.95 -11.03 3.17
CA ASP A 152 16.58 -9.64 3.44
C ASP A 152 15.07 -9.59 3.67
N LEU A 153 14.30 -10.21 2.80
CA LEU A 153 12.85 -10.21 2.93
C LEU A 153 12.40 -10.77 4.28
N LEU A 154 12.83 -11.99 4.59
CA LEU A 154 12.46 -12.63 5.86
C LEU A 154 12.74 -11.73 7.05
N SER A 155 13.90 -11.11 7.05
CA SER A 155 14.32 -10.19 8.09
C SER A 155 13.35 -9.01 8.17
N ASN A 156 12.91 -8.49 7.02
CA ASN A 156 11.98 -7.35 6.98
C ASN A 156 10.64 -7.76 7.56
N TYR A 157 10.16 -8.93 7.13
CA TYR A 157 8.86 -9.48 7.57
C TYR A 157 8.87 -9.82 9.05
N ALA A 158 10.02 -10.28 9.55
CA ALA A 158 10.19 -10.61 10.96
C ALA A 158 10.08 -9.29 11.76
N LEU A 159 10.74 -8.24 11.26
CA LEU A 159 10.66 -6.94 11.93
C LEU A 159 9.22 -6.35 11.89
N GLN A 160 8.52 -6.57 10.77
CA GLN A 160 7.15 -6.08 10.65
C GLN A 160 6.23 -6.76 11.66
N ASN A 161 6.45 -8.06 11.91
CA ASN A 161 5.62 -8.75 12.89
C ASN A 161 5.92 -8.23 14.31
N VAL A 162 7.16 -7.85 14.57
CA VAL A 162 7.55 -7.29 15.88
C VAL A 162 7.00 -5.86 16.04
N MET A 163 6.73 -5.20 14.92
CA MET A 163 6.14 -3.85 14.93
C MET A 163 4.73 -3.98 15.50
N ILE A 164 4.02 -5.00 15.04
CA ILE A 164 2.64 -5.27 15.46
C ILE A 164 2.54 -5.78 16.91
N SER A 165 3.44 -6.68 17.28
CA SER A 165 3.41 -7.24 18.64
C SER A 165 3.76 -6.20 19.70
N ILE A 166 4.72 -5.32 19.41
CA ILE A 166 5.10 -4.27 20.36
C ILE A 166 4.16 -3.06 20.30
N LEU A 167 3.90 -2.56 19.10
CA LEU A 167 3.03 -1.40 18.96
C LEU A 167 1.58 -1.71 19.26
N ASN A 168 1.17 -2.94 19.00
CA ASN A 168 -0.20 -3.36 19.24
C ASN A 168 -1.19 -2.36 18.62
N PRO A 169 -1.13 -2.21 17.28
CA PRO A 169 -1.97 -1.29 16.53
C PRO A 169 -3.39 -1.75 16.31
N VAL A 170 -4.27 -0.80 16.04
CA VAL A 170 -5.67 -1.10 15.78
C VAL A 170 -5.84 -1.60 14.34
N ALA A 171 -4.88 -1.28 13.49
CA ALA A 171 -4.89 -1.67 12.08
C ALA A 171 -3.49 -1.53 11.52
N SER A 172 -3.22 -2.17 10.38
CA SER A 172 -1.90 -2.08 9.80
C SER A 172 -1.91 -2.31 8.30
N SER A 173 -0.94 -1.68 7.64
CA SER A 173 -0.74 -1.84 6.21
C SER A 173 0.74 -2.21 6.12
N LEU A 174 1.01 -3.41 5.65
CA LEU A 174 2.38 -3.90 5.53
C LEU A 174 2.80 -4.23 4.10
N LYS A 175 4.03 -3.88 3.76
CA LYS A 175 4.59 -4.16 2.45
C LYS A 175 4.67 -5.70 2.38
N TRP A 176 4.21 -6.31 1.29
CA TRP A 176 4.22 -7.77 1.18
C TRP A 176 4.51 -8.29 -0.22
N ARG A 177 5.61 -9.02 -0.36
CA ARG A 177 5.97 -9.65 -1.63
C ARG A 177 6.59 -10.99 -1.22
N CYS A 178 5.96 -12.06 -1.64
CA CYS A 178 6.44 -13.39 -1.28
C CYS A 178 7.78 -13.73 -1.93
N PRO A 179 8.71 -14.36 -1.18
CA PRO A 179 9.99 -14.71 -1.78
C PRO A 179 9.72 -15.61 -3.00
N PHE A 180 10.60 -15.57 -3.98
CA PHE A 180 10.43 -16.39 -5.18
C PHE A 180 10.80 -17.85 -4.85
N PRO A 181 9.96 -18.81 -5.27
CA PRO A 181 10.21 -20.23 -5.02
C PRO A 181 11.63 -20.73 -5.32
N ASP A 182 12.23 -20.22 -6.39
CA ASP A 182 13.58 -20.63 -6.74
C ASP A 182 14.63 -20.03 -5.79
N GLN A 183 14.17 -19.31 -4.77
CA GLN A 183 15.02 -18.70 -3.77
C GLN A 183 14.40 -18.94 -2.41
N TRP A 184 13.66 -20.04 -2.28
CA TRP A 184 13.02 -20.34 -1.02
C TRP A 184 14.07 -20.66 0.02
N ILE A 185 13.82 -20.28 1.28
CA ILE A 185 14.75 -20.56 2.37
C ILE A 185 14.04 -21.40 3.41
N LYS A 186 12.95 -20.88 3.92
CA LYS A 186 12.17 -21.57 4.93
C LYS A 186 10.80 -20.93 5.02
N ASP A 187 9.85 -21.69 5.52
CA ASP A 187 8.49 -21.24 5.70
C ASP A 187 8.49 -20.16 6.79
N PHE A 188 7.51 -19.26 6.77
CA PHE A 188 7.44 -18.22 7.80
C PHE A 188 6.01 -17.76 7.94
N TYR A 189 5.75 -16.92 8.94
CA TYR A 189 4.40 -16.44 9.17
C TYR A 189 4.26 -14.94 8.92
N ILE A 190 3.09 -14.55 8.44
CA ILE A 190 2.76 -13.15 8.17
C ILE A 190 1.38 -12.92 8.78
N PRO A 191 1.08 -11.68 9.18
CA PRO A 191 -0.23 -11.39 9.78
C PRO A 191 -1.34 -11.66 8.79
N HIS A 192 -2.47 -12.11 9.31
CA HIS A 192 -3.61 -12.35 8.46
C HIS A 192 -4.16 -10.97 8.06
N GLY A 193 -4.49 -10.82 6.78
CA GLY A 193 -5.05 -9.57 6.30
C GLY A 193 -5.50 -9.70 4.87
N ASN A 194 -6.07 -8.64 4.31
CA ASN A 194 -6.51 -8.64 2.92
C ASN A 194 -5.30 -8.23 2.08
N LYS A 195 -5.00 -8.99 1.03
CA LYS A 195 -3.86 -8.71 0.14
C LYS A 195 -4.25 -7.71 -0.96
N MET A 196 -4.17 -6.43 -0.64
CA MET A 196 -4.54 -5.39 -1.60
C MET A 196 -3.57 -5.25 -2.75
N LEU A 197 -4.13 -5.38 -3.95
CA LEU A 197 -3.38 -5.27 -5.20
C LEU A 197 -3.12 -3.77 -5.55
N GLN A 198 -1.94 -3.50 -6.08
CA GLN A 198 -1.52 -2.15 -6.38
C GLN A 198 -1.44 -1.64 -7.80
N PRO A 199 -2.38 -0.78 -8.20
CA PRO A 199 -2.28 -0.24 -9.56
C PRO A 199 -0.99 0.61 -9.58
N PHE A 200 -0.37 0.75 -10.74
CA PHE A 200 0.86 1.52 -10.92
C PHE A 200 2.13 0.98 -10.25
N ALA A 201 2.07 -0.29 -9.84
CA ALA A 201 3.22 -0.99 -9.29
C ALA A 201 4.13 -1.18 -10.52
N PRO A 202 5.42 -1.52 -10.32
CA PRO A 202 6.24 -1.71 -11.52
C PRO A 202 5.60 -2.83 -12.36
N SER A 203 5.84 -2.79 -13.67
CA SER A 203 5.32 -3.74 -14.65
C SER A 203 5.23 -5.20 -14.25
N TYR A 204 6.29 -5.75 -13.64
CA TYR A 204 6.31 -7.14 -13.24
C TYR A 204 6.45 -7.39 -11.75
N SER A 205 6.09 -6.38 -10.96
CA SER A 205 6.17 -6.49 -9.51
C SER A 205 5.14 -7.48 -8.98
N ALA A 206 5.56 -8.28 -7.99
CA ALA A 206 4.69 -9.24 -7.34
C ALA A 206 4.29 -8.73 -5.96
N GLU A 207 4.59 -7.46 -5.69
CA GLU A 207 4.28 -6.83 -4.40
C GLU A 207 2.81 -6.39 -4.25
N MET A 208 2.30 -6.57 -3.04
CA MET A 208 0.95 -6.14 -2.69
C MET A 208 1.03 -5.52 -1.28
N ARG A 209 -0.09 -5.09 -0.72
CA ARG A 209 -0.06 -4.52 0.62
C ARG A 209 -0.99 -5.33 1.52
N LEU A 210 -0.47 -5.81 2.65
CA LEU A 210 -1.28 -6.59 3.59
C LEU A 210 -1.96 -5.61 4.55
N LEU A 211 -3.30 -5.60 4.48
CA LEU A 211 -4.13 -4.71 5.29
C LEU A 211 -4.83 -5.49 6.41
N SER A 212 -4.61 -5.12 7.67
CA SER A 212 -5.24 -5.83 8.79
C SER A 212 -5.90 -4.89 9.80
N ILE A 213 -6.92 -5.40 10.47
CA ILE A 213 -7.66 -4.66 11.50
C ILE A 213 -7.67 -5.60 12.69
N TYR A 214 -7.19 -5.12 13.83
CA TYR A 214 -7.10 -5.95 15.00
C TYR A 214 -8.22 -5.81 16.00
N THR A 215 -9.00 -6.88 16.09
CA THR A 215 -10.14 -6.99 17.00
C THR A 215 -9.62 -7.72 18.22
N GLY A 216 -10.20 -7.45 19.38
CA GLY A 216 -9.78 -8.13 20.60
C GLY A 216 -8.31 -8.01 20.90
N GLU A 217 -7.76 -8.98 21.63
CA GLU A 217 -6.35 -8.99 22.00
C GLU A 217 -5.62 -10.12 21.27
N ASN A 218 -6.26 -10.62 20.22
CA ASN A 218 -5.73 -11.71 19.42
C ASN A 218 -4.90 -11.21 18.23
N MET A 219 -3.99 -12.07 17.77
CA MET A 219 -3.13 -11.76 16.64
C MET A 219 -3.07 -13.04 15.83
N ARG A 220 -3.77 -13.08 14.71
CA ARG A 220 -3.78 -14.27 13.85
C ARG A 220 -2.69 -14.17 12.78
N LEU A 221 -1.92 -15.24 12.63
CA LEU A 221 -0.85 -15.31 11.66
C LEU A 221 -1.16 -16.40 10.66
N THR A 222 -0.42 -16.43 9.56
CA THR A 222 -0.60 -17.44 8.55
C THR A 222 0.77 -17.87 8.03
N ARG A 223 0.95 -19.18 7.94
CA ARG A 223 2.22 -19.75 7.46
C ARG A 223 2.31 -19.60 5.95
N VAL A 224 3.52 -19.34 5.45
CA VAL A 224 3.72 -19.22 4.01
C VAL A 224 4.80 -20.25 3.61
N THR A 225 4.40 -21.12 2.69
CA THR A 225 5.23 -22.21 2.20
C THR A 225 5.70 -21.95 0.78
N LYS A 226 6.63 -22.79 0.33
CA LYS A 226 7.16 -22.67 -1.02
C LYS A 226 6.06 -22.84 -2.05
N SER A 227 5.09 -23.71 -1.75
CA SER A 227 3.98 -23.94 -2.67
C SER A 227 3.13 -22.68 -2.76
N ASP A 228 3.07 -21.92 -1.66
CA ASP A 228 2.35 -20.65 -1.63
C ASP A 228 3.14 -19.72 -2.51
N ALA A 229 4.46 -19.74 -2.36
CA ALA A 229 5.36 -18.91 -3.15
C ALA A 229 5.13 -19.16 -4.63
N VAL A 230 5.01 -20.43 -5.04
CA VAL A 230 4.79 -20.76 -6.44
C VAL A 230 3.47 -20.16 -6.94
N ASN A 231 2.44 -20.26 -6.10
CA ASN A 231 1.15 -19.71 -6.43
C ASN A 231 1.20 -18.17 -6.58
N TYR A 232 1.90 -17.50 -5.67
CA TYR A 232 2.04 -16.03 -5.72
C TYR A 232 2.65 -15.61 -7.04
N GLU A 233 3.75 -16.26 -7.38
CA GLU A 233 4.50 -16.00 -8.59
C GLU A 233 3.67 -16.10 -9.86
N LYS A 234 2.94 -17.20 -9.99
CA LYS A 234 2.13 -17.46 -11.16
C LYS A 234 0.90 -16.56 -11.28
N LYS A 235 0.23 -16.33 -10.16
CA LYS A 235 -0.95 -15.47 -10.14
C LYS A 235 -0.52 -14.02 -10.46
N MET A 236 0.58 -13.58 -9.85
CA MET A 236 1.06 -12.22 -10.08
C MET A 236 1.60 -12.07 -11.52
N TYR A 237 2.24 -13.10 -12.06
CA TYR A 237 2.76 -13.03 -13.42
C TYR A 237 1.61 -12.92 -14.43
N TYR A 238 0.54 -13.66 -14.16
CA TYR A 238 -0.64 -13.63 -15.00
C TYR A 238 -1.21 -12.21 -14.96
N LEU A 239 -1.45 -11.70 -13.75
CA LEU A 239 -1.97 -10.34 -13.59
C LEU A 239 -1.13 -9.29 -14.35
N ASN A 240 0.18 -9.38 -14.20
CA ASN A 240 1.11 -8.45 -14.82
C ASN A 240 1.24 -8.54 -16.30
N LYS A 241 1.46 -9.74 -16.80
CA LYS A 241 1.66 -9.99 -18.22
C LYS A 241 0.39 -9.84 -19.05
N ILE A 242 -0.70 -10.40 -18.54
CA ILE A 242 -1.96 -10.37 -19.29
C ILE A 242 -2.94 -9.28 -18.92
N VAL A 243 -3.40 -9.31 -17.67
CA VAL A 243 -4.40 -8.36 -17.21
C VAL A 243 -4.05 -6.90 -17.29
N ARG A 244 -2.99 -6.49 -16.59
CA ARG A 244 -2.59 -5.11 -16.59
C ARG A 244 -2.31 -4.56 -17.97
N ASN A 245 -2.17 -5.45 -18.95
CA ASN A 245 -1.95 -5.00 -20.33
C ASN A 245 -3.24 -4.80 -21.13
N LYS A 246 -4.38 -4.89 -20.45
CA LYS A 246 -5.68 -4.72 -21.09
C LYS A 246 -6.22 -3.29 -21.16
N VAL A 247 -6.94 -3.01 -22.24
CA VAL A 247 -7.60 -1.72 -22.45
C VAL A 247 -9.07 -2.04 -22.26
N VAL A 248 -9.60 -1.65 -21.11
CA VAL A 248 -10.99 -1.89 -20.74
C VAL A 248 -11.89 -0.96 -21.56
N VAL A 249 -12.23 -1.38 -22.77
CA VAL A 249 -13.05 -0.57 -23.68
C VAL A 249 -14.43 -0.18 -23.19
N ASN A 250 -14.98 -0.90 -22.23
CA ASN A 250 -16.29 -0.51 -21.71
C ASN A 250 -16.14 0.50 -20.56
N PHE A 251 -14.90 0.89 -20.27
CA PHE A 251 -14.58 1.86 -19.20
C PHE A 251 -14.62 3.22 -19.85
N ASP A 252 -15.73 3.93 -19.68
CA ASP A 252 -15.84 5.26 -20.27
C ASP A 252 -15.14 6.16 -19.28
N TYR A 253 -13.89 6.44 -19.58
CA TYR A 253 -13.07 7.28 -18.74
C TYR A 253 -11.95 7.76 -19.64
N PRO A 254 -11.40 8.96 -19.37
CA PRO A 254 -10.31 9.55 -20.16
C PRO A 254 -9.14 8.59 -20.44
N ASN A 255 -8.97 7.59 -19.58
CA ASN A 255 -7.93 6.58 -19.81
C ASN A 255 -8.52 5.22 -19.51
N GLN A 256 -8.52 4.36 -20.51
CA GLN A 256 -9.10 3.04 -20.35
C GLN A 256 -8.16 1.90 -19.99
N GLU A 257 -6.87 2.19 -19.82
CA GLU A 257 -5.88 1.17 -19.43
C GLU A 257 -6.29 0.51 -18.11
N TYR A 258 -5.99 -0.78 -17.96
CA TYR A 258 -6.35 -1.49 -16.75
C TYR A 258 -6.03 -0.76 -15.41
N ASP A 259 -4.81 -0.27 -15.24
CA ASP A 259 -4.41 0.43 -14.01
C ASP A 259 -5.29 1.63 -13.62
N TYR A 260 -5.82 2.34 -14.63
CA TYR A 260 -6.71 3.49 -14.40
C TYR A 260 -8.09 2.99 -14.01
N PHE A 261 -8.48 1.86 -14.59
CA PHE A 261 -9.75 1.22 -14.29
C PHE A 261 -9.64 0.78 -12.83
N HIS A 262 -8.51 0.18 -12.48
CA HIS A 262 -8.25 -0.31 -11.13
C HIS A 262 -8.17 0.90 -10.18
N MET A 263 -7.45 1.95 -10.57
CA MET A 263 -7.36 3.13 -9.74
C MET A 263 -8.76 3.71 -9.44
N TYR A 264 -9.61 3.75 -10.46
CA TYR A 264 -10.97 4.27 -10.32
C TYR A 264 -11.70 3.59 -9.16
N PHE A 265 -11.59 2.27 -9.09
CA PHE A 265 -12.27 1.54 -8.02
C PHE A 265 -11.77 1.83 -6.61
N MET A 266 -10.51 2.21 -6.50
CA MET A 266 -9.94 2.54 -5.20
C MET A 266 -10.36 3.95 -4.84
N LEU A 267 -10.28 4.85 -5.81
CA LEU A 267 -10.64 6.23 -5.56
C LEU A 267 -12.09 6.47 -5.27
N ARG A 268 -12.96 5.59 -5.75
CA ARG A 268 -14.38 5.77 -5.52
C ARG A 268 -14.75 5.55 -4.04
N THR A 269 -13.85 4.95 -3.27
CA THR A 269 -14.13 4.70 -1.84
C THR A 269 -13.67 5.85 -0.94
N VAL A 270 -13.00 6.82 -1.55
CA VAL A 270 -12.45 7.99 -0.90
C VAL A 270 -13.51 9.04 -0.63
N TYR A 271 -13.46 9.65 0.55
CA TYR A 271 -14.43 10.67 0.95
C TYR A 271 -13.93 12.07 0.62
N CYS A 272 -14.84 12.89 0.10
CA CYS A 272 -14.54 14.28 -0.26
C CYS A 272 -15.50 15.27 0.41
N ASN A 273 -15.07 16.53 0.53
CA ASN A 273 -15.93 17.56 1.11
C ASN A 273 -16.92 18.00 0.03
N LYS A 274 -16.40 18.17 -1.17
CA LYS A 274 -17.17 18.59 -2.33
C LYS A 274 -18.12 17.48 -2.78
N THR A 275 -19.35 17.87 -3.13
CA THR A 275 -20.35 16.90 -3.55
C THR A 275 -20.34 16.84 -5.06
N PHE A 276 -20.41 15.63 -5.60
CA PHE A 276 -20.40 15.43 -7.03
C PHE A 276 -21.67 14.73 -7.49
N PRO A 277 -22.10 15.00 -8.74
CA PRO A 277 -23.31 14.39 -9.31
C PRO A 277 -23.13 12.91 -9.63
N THR A 278 -21.88 12.50 -9.82
CA THR A 278 -21.54 11.11 -10.13
C THR A 278 -20.17 10.73 -9.59
N THR A 279 -20.00 9.44 -9.38
CA THR A 279 -18.76 8.86 -8.92
C THR A 279 -17.65 9.20 -9.93
N LYS A 280 -17.99 9.17 -11.22
CA LYS A 280 -17.02 9.45 -12.26
C LYS A 280 -16.39 10.81 -12.08
N ALA A 281 -17.24 11.75 -11.70
CA ALA A 281 -16.82 13.13 -11.47
C ALA A 281 -15.95 13.23 -10.21
N LYS A 282 -16.28 12.48 -9.16
CA LYS A 282 -15.45 12.53 -7.97
C LYS A 282 -14.06 11.99 -8.30
N VAL A 283 -14.04 10.81 -8.91
CA VAL A 283 -12.79 10.16 -9.29
C VAL A 283 -11.91 10.99 -10.19
N LEU A 284 -12.48 11.51 -11.27
CA LEU A 284 -11.73 12.36 -12.19
C LEU A 284 -11.09 13.48 -11.39
N PHE A 285 -11.85 13.98 -10.42
CA PHE A 285 -11.37 15.07 -9.57
C PHE A 285 -10.21 14.61 -8.69
N LEU A 286 -10.40 13.49 -7.98
CA LEU A 286 -9.36 12.95 -7.11
C LEU A 286 -8.08 12.63 -7.91
N GLN A 287 -8.23 12.03 -9.09
CA GLN A 287 -7.08 11.69 -9.94
C GLN A 287 -6.33 12.92 -10.41
N GLN A 288 -7.09 13.91 -10.88
CA GLN A 288 -6.52 15.17 -11.34
C GLN A 288 -5.71 15.79 -10.22
N SER A 289 -6.35 15.87 -9.07
CA SER A 289 -5.75 16.42 -7.86
C SER A 289 -4.47 15.67 -7.50
N ILE A 290 -4.56 14.35 -7.49
CA ILE A 290 -3.40 13.52 -7.17
C ILE A 290 -2.25 13.72 -8.16
N PHE A 291 -2.56 13.66 -9.46
CA PHE A 291 -1.54 13.83 -10.49
C PHE A 291 -0.94 15.24 -10.44
N ARG A 292 -1.77 16.26 -10.21
CA ARG A 292 -1.24 17.61 -10.13
C ARG A 292 -0.25 17.70 -8.97
N PHE A 293 -0.64 17.14 -7.81
CA PHE A 293 0.22 17.16 -6.64
C PHE A 293 1.58 16.52 -6.90
N LEU A 294 1.59 15.32 -7.49
CA LEU A 294 2.84 14.62 -7.73
C LEU A 294 3.61 15.12 -8.95
N ASN A 295 3.02 16.08 -9.68
CA ASN A 295 3.66 16.65 -10.86
C ASN A 295 3.72 15.61 -11.99
N ILE A 296 2.65 14.83 -12.11
CA ILE A 296 2.52 13.81 -13.14
C ILE A 296 1.61 14.42 -14.20
N PRO A 297 2.07 14.44 -15.46
CA PRO A 297 1.29 15.00 -16.58
C PRO A 297 -0.13 14.45 -16.77
#